data_2Y6N
#
_entry.id   2Y6N
#
_cell.length_a   30.616
_cell.length_b   62.783
_cell.length_c   30.602
_cell.angle_alpha   90.00
_cell.angle_beta   100.02
_cell.angle_gamma   90.00
#
_symmetry.space_group_name_H-M   'P 1 21 1'
#
loop_
_entity.id
_entity.type
_entity.pdbx_description
1 polymer 'VAL-GRAMICIDIN A'
2 non-polymer 'POLYETHYLENE GLYCOL (N=34)'
3 non-polymer 'O-ACETALDEHYDYL-HEXAETHYLENE GLYCOL'
4 water water
#
_entity_poly.entity_id   1
_entity_poly.type   'polypeptide(L)'
_entity_poly.pdbx_seq_one_letter_code
;(FVA)GA(DLE)A(DVA)V(DVA)W(DLE)W(DLE)W(DLE)W(ETA)
;
_entity_poly.pdbx_strand_id   A,B,C,D,E,F
#
loop_
_chem_comp.id
_chem_comp.type
_chem_comp.name
_chem_comp.formula
15P non-polymer 'POLYETHYLENE GLYCOL (N=34)' 'C69 H140 O35'
P4C non-polymer 'O-ACETALDEHYDYL-HEXAETHYLENE GLYCOL' 'C14 H28 O8'
#
# COMPACT_ATOMS: atom_id res chain seq x y z
C FVA A 1 -7.41 3.82 13.43
N FVA A 1 -6.40 3.97 15.61
O FVA A 1 -6.36 4.12 12.86
CA FVA A 1 -7.64 4.17 14.91
CB FVA A 1 -8.22 5.61 15.04
CB FVA A 1 -8.01 5.66 14.99
CG1 FVA A 1 -8.65 5.89 16.50
CG1 FVA A 1 -6.91 6.55 14.38
CG2 FVA A 1 -7.24 6.66 14.56
CG2 FVA A 1 -9.36 5.94 14.41
O1 FVA A 1 -7.54 3.33 17.47
O1 FVA A 1 -7.09 2.65 17.42
CN FVA A 1 -6.46 3.62 16.90
CN FVA A 1 -6.21 3.24 16.75
N GLY A 2 -8.37 3.17 12.81
CA GLY A 2 -8.22 2.83 11.39
C GLY A 2 -7.14 1.80 11.19
N ALA A 3 -6.37 1.95 10.08
CA ALA A 3 -5.32 1.00 9.79
C ALA A 3 -4.19 1.68 9.02
N DLE A 4 -3.01 1.57 9.54
CA DLE A 4 -1.81 2.05 8.85
CB DLE A 4 -0.73 1.02 8.97
CG DLE A 4 -1.10 -0.35 8.44
CD1 DLE A 4 -1.54 -0.29 6.99
CD2 DLE A 4 0.03 -1.33 8.65
C DLE A 4 -1.35 3.35 9.46
O DLE A 4 -1.35 3.53 10.70
N ALA A 5 -0.84 4.26 8.63
CA ALA A 5 -0.31 5.52 9.09
C ALA A 5 -0.48 6.55 7.99
N DVA A 6 -1.40 7.47 8.11
CA DVA A 6 -1.61 8.53 7.12
CB DVA A 6 -1.73 9.89 7.85
CG1 DVA A 6 -2.95 9.96 8.71
CG2 DVA A 6 -0.47 10.20 8.66
C DVA A 6 -2.82 8.25 6.29
O DVA A 6 -3.81 7.68 6.75
N VAL A 7 -2.74 8.70 5.03
CA VAL A 7 -3.88 8.60 4.14
C VAL A 7 -3.41 8.31 2.72
N DVA A 8 -3.72 7.14 2.22
CA DVA A 8 -3.42 6.76 0.83
CB DVA A 8 -4.67 5.91 0.28
CG1 DVA A 8 -5.88 6.85 0.17
CG2 DVA A 8 -4.34 5.23 -1.07
C DVA A 8 -2.19 5.90 0.77
O DVA A 8 -2.04 4.92 1.53
N TRP A 9 -1.33 6.18 -0.19
CA TRP A 9 -0.11 5.40 -0.37
C TRP A 9 0.92 6.20 -1.12
N DLE A 10 1.97 6.65 -0.49
CA DLE A 10 3.04 7.38 -1.14
CB DLE A 10 4.37 6.68 -0.93
CG DLE A 10 4.48 5.27 -1.52
CD1 DLE A 10 4.13 5.25 -3.04
CD2 DLE A 10 5.85 4.71 -1.24
C DLE A 10 3.14 8.78 -0.66
O DLE A 10 3.07 9.06 0.58
N TRP A 11 3.36 9.70 -1.61
CA TRP A 11 3.64 11.08 -1.29
C TRP A 11 3.23 11.94 -2.49
N DLE A 12 2.10 12.56 -2.43
CA DLE A 12 1.65 13.54 -3.43
CB DLE A 12 1.05 14.77 -2.72
CG DLE A 12 1.93 15.42 -1.67
CD1 DLE A 12 3.24 15.87 -2.22
CD2 DLE A 12 1.17 16.55 -1.00
C DLE A 12 0.61 12.97 -4.35
O DLE A 12 -0.42 12.42 -3.90
N TRP A 13 0.79 13.18 -5.68
CA TRP A 13 -0.22 12.76 -6.63
C TRP A 13 0.44 12.60 -7.99
N DLE A 14 0.77 11.38 -8.29
CA DLE A 14 1.29 11.04 -9.64
CB DLE A 14 0.31 10.11 -10.30
CG DLE A 14 -1.09 10.68 -10.55
CD1 DLE A 14 -1.07 11.84 -11.54
CD2 DLE A 14 -2.00 9.56 -11.03
C DLE A 14 2.62 10.38 -9.52
O DLE A 14 2.84 9.48 -8.71
N TRP A 15 3.54 10.76 -10.41
CA TRP A 15 4.84 10.14 -10.47
C TRP A 15 5.75 11.09 -11.20
CA ETA A 16 7.04 13.15 -11.17
CA ETA A 16 7.71 12.77 -11.05
N ETA A 16 6.21 12.14 -10.54
N ETA A 16 6.71 11.80 -10.56
C ETA A 16 6.67 14.51 -10.56
C ETA A 16 7.49 14.14 -10.45
O ETA A 16 7.18 14.54 -9.21
O ETA A 16 7.66 14.10 -9.01
C FVA B 1 2.86 13.77 -13.03
N FVA B 1 4.57 12.81 -14.45
O FVA B 1 3.21 13.04 -12.07
CA FVA B 1 3.23 13.38 -14.46
CB FVA B 1 2.14 12.45 -15.04
CB FVA B 1 2.25 12.29 -14.98
CG1 FVA B 1 2.43 12.16 -16.52
CG1 FVA B 1 2.34 11.00 -14.15
CG2 FVA B 1 2.01 11.16 -14.24
CG2 FVA B 1 0.84 12.80 -15.16
O1 FVA B 1 4.91 13.72 -16.51
O1 FVA B 1 5.59 13.99 -16.22
CN FVA B 1 5.31 12.98 -15.55
CN FVA B 1 5.63 13.18 -15.26
N GLY B 2 2.17 14.87 -12.86
CA GLY B 2 1.78 15.27 -11.50
C GLY B 2 2.98 15.63 -10.67
N ALA B 3 2.93 15.28 -9.35
CA ALA B 3 4.04 15.61 -8.47
C ALA B 3 4.12 14.59 -7.35
N DLE B 4 5.27 14.00 -7.22
CA DLE B 4 5.58 13.11 -6.12
CB DLE B 4 6.93 13.44 -5.56
CG DLE B 4 7.09 14.86 -5.11
CD1 DLE B 4 6.07 15.25 -4.04
CD2 DLE B 4 8.49 15.08 -4.60
C DLE B 4 5.56 11.67 -6.61
O DLE B 4 6.04 11.36 -7.71
N ALA B 5 5.06 10.75 -5.78
CA ALA B 5 5.03 9.36 -6.10
C ALA B 5 3.87 8.73 -5.37
N DVA B 6 2.81 8.36 -6.06
CA DVA B 6 1.66 7.71 -5.45
CB DVA B 6 1.23 6.52 -6.31
CG1 DVA B 6 0.74 6.94 -7.66
CG2 DVA B 6 2.37 5.48 -6.44
C DVA B 6 0.53 8.68 -5.26
O DVA B 6 0.32 9.59 -6.05
N VAL B 7 -0.26 8.43 -4.20
CA VAL B 7 -1.45 9.22 -3.96
C VAL B 7 -1.64 9.43 -2.46
N DVA B 8 -1.50 10.65 -2.01
CA DVA B 8 -1.80 11.00 -0.60
CB DVA B 8 -2.53 12.44 -0.62
CG1 DVA B 8 -3.95 12.28 -1.24
CG2 DVA B 8 -2.60 13.02 0.80
C DVA B 8 -0.51 11.14 0.14
O DVA B 8 0.46 11.78 -0.30
N TRP B 9 -0.49 10.58 1.36
CA TRP B 9 0.71 10.66 2.20
C TRP B 9 0.69 9.59 3.25
N DLE B 10 1.53 8.59 3.14
CA DLE B 10 1.60 7.52 4.12
CB DLE B 10 3.02 7.43 4.66
CG DLE B 10 3.55 8.65 5.44
CD1 DLE B 10 2.58 9.05 6.57
CD2 DLE B 10 4.94 8.40 5.92
C DLE B 10 1.22 6.22 3.54
O DLE B 10 1.61 5.82 2.40
N TRP B 11 0.45 5.44 4.36
CA TRP B 11 0.13 4.10 4.04
C TRP B 11 -1.18 3.70 4.75
N DLE B 12 -2.28 3.73 4.06
CA DLE B 12 -3.57 3.26 4.58
CB DLE B 12 -4.28 2.41 3.50
CG DLE B 12 -3.47 1.29 2.91
CD1 DLE B 12 -3.01 0.32 3.94
CD2 DLE B 12 -4.28 0.60 1.80
C DLE B 12 -4.48 4.41 4.95
O DLE B 12 -4.74 5.32 4.15
N TRP B 13 -5.07 4.31 6.16
CA TRP B 13 -6.05 5.29 6.54
C TRP B 13 -6.15 5.31 8.07
N DLE B 14 -5.45 6.24 8.68
CA DLE B 14 -5.55 6.42 10.13
CB DLE B 14 -6.11 7.80 10.37
CG DLE B 14 -7.52 8.07 9.84
CD1 DLE B 14 -8.61 7.23 10.49
CD2 DLE B 14 -7.85 9.56 9.98
C DLE B 14 -4.21 6.32 10.77
O DLE B 14 -3.21 6.88 10.29
N TRP B 15 -4.17 5.65 11.91
CA TRP B 15 -2.95 5.56 12.68
C TRP B 15 -3.11 4.40 13.62
CA ETA B 16 -3.17 2.02 13.99
CA ETA B 16 -2.46 1.98 14.15
N ETA B 16 -2.94 3.18 13.16
N ETA B 16 -2.50 3.23 13.39
C ETA B 16 -3.83 0.94 13.12
C ETA B 16 -3.02 0.78 13.39
O ETA B 16 -2.88 0.52 12.11
O ETA B 16 -2.24 0.50 12.21
C FVA C 1 -2.07 -5.40 -18.01
N FVA C 1 0.01 -6.40 -18.71
O FVA C 1 -2.00 -6.10 -17.00
CA FVA C 1 -1.13 -5.62 -19.18
CB FVA C 1 -1.85 -6.36 -20.30
CG1 FVA C 1 -0.89 -6.59 -21.47
CG2 FVA C 1 -2.45 -7.68 -19.86
O1 FVA C 1 1.62 -4.91 -19.35
CN FVA C 1 1.28 -5.97 -18.82
N GLY C 2 -2.93 -4.43 -18.12
CA GLY C 2 -3.92 -4.16 -17.08
C GLY C 2 -4.98 -5.23 -16.99
N ALA C 3 -5.61 -5.31 -15.81
CA ALA C 3 -6.72 -6.23 -15.60
C ALA C 3 -7.74 -5.56 -14.66
N DLE C 4 -8.99 -5.70 -14.96
CA DLE C 4 -10.06 -5.23 -14.09
CA DLE C 4 -10.05 -5.21 -14.03
CB DLE C 4 -11.36 -5.74 -14.72
CB DLE C 4 -11.47 -5.65 -14.43
CG DLE C 4 -12.58 -5.69 -13.86
CG DLE C 4 -11.86 -7.09 -14.16
CD1 DLE C 4 -12.36 -6.41 -12.55
CD1 DLE C 4 -11.21 -8.01 -15.17
CD2 DLE C 4 -13.75 -6.31 -14.56
CD2 DLE C 4 -11.56 -7.53 -12.73
C DLE C 4 -10.04 -3.72 -13.97
O DLE C 4 -9.88 -3.00 -15.00
N ALA C 5 -10.24 -3.18 -12.76
CA ALA C 5 -10.34 -1.76 -12.58
C ALA C 5 -10.01 -1.46 -11.12
N DVA C 6 -8.78 -1.15 -10.81
CA DVA C 6 -8.34 -0.83 -9.48
CB DVA C 6 -8.05 0.63 -9.32
CG1 DVA C 6 -6.84 1.07 -10.16
CG2 DVA C 6 -9.30 1.48 -9.58
C DVA C 6 -7.17 -1.68 -9.09
O DVA C 6 -6.43 -2.22 -9.94
N VAL C 7 -6.93 -1.81 -7.79
CA VAL C 7 -5.83 -2.58 -7.27
C VAL C 7 -6.35 -3.41 -6.09
N DVA C 8 -6.26 -4.73 -6.16
CA DVA C 8 -6.66 -5.63 -5.06
CA DVA C 8 -6.71 -5.53 -5.03
CB DVA C 8 -5.83 -6.96 -5.16
CB DVA C 8 -5.80 -6.74 -4.77
CG1 DVA C 8 -6.24 -7.99 -4.11
CG1 DVA C 8 -5.76 -7.65 -6.03
CG2 DVA C 8 -4.31 -6.64 -5.06
CG2 DVA C 8 -4.40 -6.27 -4.29
C DVA C 8 -8.15 -5.94 -5.18
O DVA C 8 -8.65 -6.27 -6.24
N TRP C 9 -8.84 -5.83 -4.04
CA TRP C 9 -10.28 -6.10 -4.00
C TRP C 9 -10.89 -5.45 -2.75
N DLE C 10 -11.63 -4.40 -2.93
CA DLE C 10 -12.38 -3.75 -1.85
CB DLE C 10 -13.89 -3.94 -2.03
CG DLE C 10 -14.36 -5.36 -1.98
CD1 DLE C 10 -14.09 -6.03 -0.61
CD2 DLE C 10 -15.83 -5.42 -2.29
C DLE C 10 -12.10 -2.28 -1.79
O DLE C 10 -12.01 -1.58 -2.81
N TRP C 11 -11.95 -1.76 -0.58
CA TRP C 11 -11.78 -0.34 -0.34
C TRP C 11 -11.15 -0.18 1.03
N DLE C 12 -9.86 0.01 1.08
CA DLE C 12 -9.12 0.18 2.34
CB DLE C 12 -8.09 1.31 2.17
CG DLE C 12 -8.68 2.69 1.86
CD1 DLE C 12 -9.59 3.16 3.02
CD2 DLE C 12 -7.53 3.70 1.59
C DLE C 12 -8.43 -1.09 2.72
O DLE C 12 -7.78 -1.75 1.89
N TRP C 13 -8.51 -1.44 4.02
CA TRP C 13 -7.91 -2.68 4.49
C TRP C 13 -8.61 -3.07 5.79
N DLE C 14 -9.22 -4.24 5.76
CA DLE C 14 -9.87 -4.79 7.00
CB DLE C 14 -9.14 -6.06 7.40
CG DLE C 14 -7.64 -5.93 7.72
CD1 DLE C 14 -7.27 -4.82 8.70
CD2 DLE C 14 -7.07 -7.27 8.14
C DLE C 14 -11.32 -5.11 6.75
O DLE C 14 -11.70 -5.65 5.71
N TRP C 15 -12.11 -4.81 7.78
CA TRP C 15 -13.53 -5.11 7.74
C TRP C 15 -14.19 -4.26 8.83
CA ETA C 16 -15.14 -1.87 9.28
CA ETA C 16 -14.87 -2.23 9.65
N ETA C 16 -14.35 -2.95 8.63
N ETA C 16 -14.57 -3.05 8.45
C ETA C 16 -14.22 -0.73 9.81
C ETA C 16 -13.74 -1.20 9.91
O ETA C 16 -14.06 0.22 8.70
O ETA C 16 -13.59 -0.29 8.79
C FVA D 1 -10.70 -3.25 11.11
N FVA D 1 -12.85 -3.77 12.11
O FVA D 1 -11.01 -3.39 9.91
CA FVA D 1 -11.44 -4.06 12.19
CB FVA D 1 -11.19 -5.55 11.97
CG1 FVA D 1 -9.72 -5.84 11.95
CG2 FVA D 1 -11.94 -6.39 13.05
O1 FVA D 1 -13.13 -2.23 13.83
O1 FVA D 1 -12.79 -2.66 14.03
CN FVA D 1 -13.56 -2.86 12.84
CN FVA D 1 -13.44 -3.10 13.08
N GLY D 2 -9.82 -2.39 11.47
CA GLY D 2 -9.07 -1.60 10.48
C GLY D 2 -9.86 -0.48 9.87
N ALA D 3 -9.77 -0.35 8.52
CA ALA D 3 -10.41 0.78 7.87
C ALA D 3 -10.92 0.34 6.50
N DLE D 4 -12.17 0.04 6.40
CA DLE D 4 -12.86 -0.24 5.15
CB DLE D 4 -14.16 0.54 5.10
CG DLE D 4 -13.97 2.03 5.29
CD1 DLE D 4 -13.09 2.50 4.16
CD2 DLE D 4 -15.33 2.71 5.30
C DLE D 4 -13.15 -1.70 5.00
O DLE D 4 -13.69 -2.32 5.92
N ALA D 5 -12.87 -2.26 3.84
CA ALA D 5 -13.24 -3.63 3.57
C ALA D 5 -12.30 -4.23 2.55
N DVA D 6 -11.72 -5.36 2.87
CA DVA D 6 -10.89 -6.11 1.94
CB DVA D 6 -10.91 -7.61 2.34
CG1 DVA D 6 -12.35 -8.18 2.37
CG2 DVA D 6 -9.95 -8.41 1.46
C DVA D 6 -9.49 -5.58 1.94
O DVA D 6 -8.90 -5.36 3.00
N VAL D 7 -8.93 -5.35 0.73
CA VAL D 7 -7.59 -4.84 0.61
C VAL D 7 -7.41 -4.18 -0.72
N DVA D 8 -7.25 -2.86 -0.70
CA DVA D 8 -6.90 -2.09 -1.93
CB DVA D 8 -5.56 -1.32 -1.70
CG1 DVA D 8 -4.44 -2.37 -1.83
CG2 DVA D 8 -5.36 -0.09 -2.65
C DVA D 8 -8.01 -1.11 -2.26
O DVA D 8 -8.59 -0.43 -1.40
N TRP D 9 -8.26 -0.99 -3.57
CA TRP D 9 -9.26 -0.05 -4.02
C TRP D 9 -9.77 -0.53 -5.35
N DLE D 10 -10.99 -1.00 -5.41
CA DLE D 10 -11.64 -1.46 -6.61
CB DLE D 10 -13.12 -1.13 -6.53
CG DLE D 10 -13.44 0.34 -6.37
CD1 DLE D 10 -12.92 1.12 -7.54
CD2 DLE D 10 -14.91 0.61 -6.15
C DLE D 10 -11.46 -2.96 -6.76
O DLE D 10 -11.68 -3.73 -5.78
N TRP D 11 -11.11 -3.44 -7.96
CA TRP D 11 -10.90 -4.89 -8.14
C TRP D 11 -10.00 -5.11 -9.35
N DLE D 12 -8.83 -5.67 -9.11
CA DLE D 12 -7.94 -6.21 -10.20
CB DLE D 12 -7.84 -7.78 -10.09
CG DLE D 12 -8.99 -8.59 -10.66
CD1 DLE D 12 -9.03 -8.35 -12.15
CD2 DLE D 12 -8.76 -10.03 -10.40
C DLE D 12 -6.58 -5.63 -10.00
O DLE D 12 -6.00 -5.59 -8.90
N TRP D 13 -5.96 -5.29 -11.15
CA TRP D 13 -4.58 -4.80 -11.14
C TRP D 13 -4.40 -3.88 -12.33
N DLE D 14 -4.71 -2.63 -12.14
CA DLE D 14 -4.60 -1.56 -13.14
CB DLE D 14 -4.08 -0.31 -12.48
CG DLE D 14 -2.73 -0.50 -11.80
CD1 DLE D 14 -1.71 -1.02 -12.77
CD2 DLE D 14 -2.31 0.80 -11.16
C DLE D 14 -5.94 -1.30 -13.76
O DLE D 14 -6.94 -1.07 -13.06
N TRP D 15 -5.99 -1.31 -15.08
CA TRP D 15 -7.20 -1.04 -15.78
C TRP D 15 -7.22 -1.83 -17.07
CA ETA D 16 -7.92 -3.84 -18.46
CA ETA D 16 -8.35 -3.56 -18.32
N ETA D 16 -7.86 -2.99 -17.22
N ETA D 16 -8.33 -2.51 -17.28
C ETA D 16 -8.90 -3.33 -19.54
C ETA D 16 -9.43 -3.20 -19.31
O ETA D 16 -9.79 -2.27 -19.05
O ETA D 16 -8.68 -2.17 -20.02
C FVA E 1 9.19 -4.38 18.77
N FVA E 1 10.85 -4.48 20.52
O FVA E 1 10.05 -3.95 18.03
CA FVA E 1 9.41 -4.50 20.28
CB FVA E 1 8.70 -3.36 21.01
CG1 FVA E 1 8.92 -3.51 22.52
CG2 FVA E 1 9.17 -1.99 20.56
O1 FVA E 1 10.94 -6.45 21.66
CN FVA E 1 11.50 -5.47 21.17
N GLY E 2 8.03 -4.76 18.32
CA GLY E 2 7.67 -4.64 16.91
C GLY E 2 7.48 -3.21 16.48
N ALA E 3 7.64 -2.99 15.17
CA ALA E 3 7.39 -1.69 14.57
C ALA E 3 6.79 -1.87 13.18
N DLE E 4 5.81 -1.09 12.86
CA DLE E 4 5.20 -1.07 11.52
CA DLE E 4 5.24 -1.11 11.48
CB DLE E 4 4.23 0.11 11.52
CB DLE E 4 4.29 0.06 11.21
CG DLE E 4 3.72 0.55 10.20
CG DLE E 4 4.89 1.43 10.94
CD1 DLE E 4 4.89 0.89 9.27
CD1 DLE E 4 5.39 2.07 12.18
CD2 DLE E 4 2.84 1.77 10.31
CD2 DLE E 4 5.96 1.42 9.86
C DLE E 4 4.50 -2.39 11.22
O DLE E 4 3.79 -2.93 12.09
N ALA E 5 4.67 -2.92 10.01
CA ALA E 5 4.01 -4.11 9.59
C ALA E 5 4.79 -4.72 8.44
N DVA E 6 5.66 -5.65 8.73
CA DVA E 6 6.48 -6.33 7.75
CB DVA E 6 6.01 -7.77 7.55
CG1 DVA E 6 6.25 -8.64 8.76
CG2 DVA E 6 4.54 -7.84 7.07
C DVA E 6 7.93 -6.25 8.09
O DVA E 6 8.31 -6.03 9.24
N VAL E 7 8.79 -6.46 7.09
CA VAL E 7 10.20 -6.38 7.29
C VAL E 7 10.82 -5.59 6.12
N DVA E 8 11.51 -4.50 6.40
CA DVA E 8 12.17 -3.74 5.35
CA DVA E 8 12.20 -3.70 5.40
CB DVA E 8 13.56 -3.13 5.80
CB DVA E 8 13.41 -2.97 6.06
CG1 DVA E 8 13.41 -2.00 6.71
CG1 DVA E 8 14.09 -2.06 5.06
CG2 DVA E 8 14.47 -4.16 6.44
CG2 DVA E 8 12.98 -2.22 7.33
C DVA E 8 11.22 -2.68 4.82
O DVA E 8 10.53 -1.98 5.56
N TRP E 9 11.23 -2.55 3.50
CA TRP E 9 10.34 -1.62 2.81
C TRP E 9 10.18 -2.06 1.34
N DLE E 10 9.01 -2.55 0.99
CA DLE E 10 8.68 -2.89 -0.40
CB DLE E 10 7.61 -1.95 -0.93
CG DLE E 10 7.94 -0.48 -1.01
CD1 DLE E 10 9.18 -0.26 -1.97
CD2 DLE E 10 6.78 0.33 -1.43
C DLE E 10 8.19 -4.30 -0.50
O DLE E 10 7.40 -4.79 0.32
N TRP E 11 8.59 -4.97 -1.57
CA TRP E 11 8.12 -6.32 -1.89
C TRP E 11 9.15 -6.96 -2.79
N DLE E 12 10.01 -7.77 -2.25
CA DLE E 12 11.08 -8.44 -3.00
CB DLE E 12 11.17 -9.91 -2.51
CG DLE E 12 9.92 -10.75 -2.75
CD1 DLE E 12 9.54 -10.85 -4.26
CD2 DLE E 12 10.08 -12.14 -2.10
C DLE E 12 12.38 -7.78 -2.82
O DLE E 12 12.79 -7.40 -1.71
N TRP E 13 13.12 -7.61 -3.95
CA TRP E 13 14.39 -6.93 -3.90
C TRP E 13 14.73 -6.43 -5.29
N DLE E 14 14.84 -5.11 -5.39
CA DLE E 14 15.25 -4.49 -6.70
CB DLE E 14 16.61 -3.80 -6.52
CG DLE E 14 17.78 -4.69 -6.08
CD1 DLE E 14 17.94 -5.99 -6.92
CD2 DLE E 14 19.08 -3.90 -6.02
C DLE E 14 14.25 -3.46 -7.14
O DLE E 14 13.75 -2.66 -6.34
N TRP E 15 14.01 -3.46 -8.44
CA TRP E 15 13.16 -2.50 -9.07
C TRP E 15 12.77 -3.02 -10.43
CA ETA E 16 11.36 -4.63 -11.68
N ETA E 16 11.80 -3.91 -10.49
C ETA E 16 11.79 -6.10 -11.68
O ETA E 16 10.88 -6.82 -10.79
C FVA F 1 15.85 -5.96 -10.87
N FVA F 1 15.03 -4.59 -12.70
O FVA F 1 15.13 -5.52 -9.97
CA FVA F 1 16.24 -5.05 -12.05
CB FVA F 1 17.07 -3.87 -11.54
CG1 FVA F 1 18.29 -4.37 -10.78
CG2 FVA F 1 17.46 -2.90 -12.71
O1 FVA F 1 14.90 -6.01 -14.53
O1 FVA F 1 15.46 -5.83 -14.48
CN FVA F 1 14.44 -5.10 -13.81
CN FVA F 1 14.74 -5.03 -13.90
N GLY F 2 16.23 -7.19 -10.87
CA GLY F 2 15.91 -8.10 -9.76
C GLY F 2 14.48 -8.56 -9.79
N ALA F 3 13.84 -8.53 -8.61
CA ALA F 3 12.50 -9.10 -8.49
C ALA F 3 11.69 -8.29 -7.49
N DLE F 4 10.89 -7.38 -7.97
CA DLE F 4 9.93 -6.61 -7.16
CB DLE F 4 8.57 -6.64 -7.87
CG DLE F 4 8.06 -8.02 -8.18
CD1 DLE F 4 7.90 -8.75 -6.87
CD2 DLE F 4 6.73 -7.92 -8.94
C DLE F 4 10.37 -5.19 -6.99
O DLE F 4 10.75 -4.52 -7.96
N ALA F 5 10.28 -4.70 -5.76
CA ALA F 5 10.57 -3.31 -5.52
C ALA F 5 11.08 -3.12 -4.10
N DVA F 6 12.21 -2.49 -3.93
CA DVA F 6 12.74 -2.14 -2.62
CB DVA F 6 13.68 -0.91 -2.77
CG1 DVA F 6 14.34 -0.55 -1.44
CG2 DVA F 6 12.95 0.27 -3.43
C DVA F 6 13.48 -3.31 -2.04
O DVA F 6 14.31 -3.93 -2.70
N VAL F 7 13.20 -3.60 -0.77
CA VAL F 7 13.86 -4.70 -0.06
C VAL F 7 13.02 -5.17 1.07
N DVA F 8 12.48 -6.38 0.95
CA DVA F 8 11.75 -6.97 2.09
CB DVA F 8 12.42 -8.15 2.63
CG1 DVA F 8 13.77 -7.81 3.34
CG2 DVA F 8 12.54 -9.23 1.66
C DVA F 8 10.31 -7.27 1.71
O DVA F 8 9.99 -7.68 0.57
N TRP F 9 9.44 -7.06 2.68
CA TRP F 9 8.01 -7.31 2.49
C TRP F 9 7.24 -6.46 3.47
N DLE F 10 6.59 -5.43 2.99
CA DLE F 10 5.76 -4.54 3.77
CB DLE F 10 4.56 -4.13 2.95
CG DLE F 10 3.67 -5.25 2.46
CD1 DLE F 10 3.09 -5.97 3.64
CD2 DLE F 10 2.57 -4.77 1.52
C DLE F 10 6.55 -3.33 4.19
O DLE F 10 7.26 -2.71 3.34
N TRP F 11 6.49 -2.93 5.46
CA TRP F 11 7.29 -1.78 5.93
C TRP F 11 7.48 -1.88 7.42
N DLE F 12 8.71 -2.00 7.86
CA DLE F 12 9.09 -1.82 9.32
CB DLE F 12 10.01 -0.56 9.47
CG DLE F 12 9.28 0.79 9.54
CD1 DLE F 12 10.25 1.90 9.61
CD2 DLE F 12 8.41 0.80 10.82
C DLE F 12 9.90 -3.02 9.74
O DLE F 12 10.80 -3.51 9.04
N TRP F 13 9.61 -3.47 10.96
CA TRP F 13 10.35 -4.59 11.53
C TRP F 13 9.46 -5.30 12.53
N DLE F 14 8.71 -6.27 12.04
CA DLE F 14 7.76 -7.07 12.82
CB DLE F 14 7.81 -8.49 12.31
CG DLE F 14 9.22 -9.10 12.41
CD1 DLE F 14 9.75 -9.11 13.82
CD2 DLE F 14 9.20 -10.49 11.82
C DLE F 14 6.37 -6.54 12.66
O DLE F 14 5.88 -6.31 11.55
N TRP F 15 5.70 -6.31 13.78
CA TRP F 15 4.36 -5.85 13.77
C TRP F 15 4.12 -4.98 15.00
CA ETA F 16 3.42 -2.87 15.86
CA ETA F 16 4.09 -2.64 16.09
N ETA F 16 3.60 -3.81 14.74
N ETA F 16 4.16 -3.64 15.00
C ETA F 16 1.94 -2.79 16.12
C ETA F 16 2.68 -2.05 16.28
O ETA F 16 1.85 -3.89 17.05
O ETA F 16 1.86 -3.04 16.93
C2 15P G . 0.10 -8.88 6.41
O1 15P G . -0.29 -7.50 6.48
C3 15P G . 0.79 -6.64 6.17
C4 15P G . 0.24 -5.21 6.21
O2 15P G . -0.55 -5.00 5.05
C5 15P G . -1.22 -3.76 5.10
C6 15P G . -2.10 -3.63 3.89
O3 15P G . -1.31 -3.22 2.77
C7 15P G . -2.02 -3.22 1.54
C8 15P G . -1.15 -2.63 0.45
O4 15P G . -1.06 -1.22 0.67
C9 15P G . -0.61 -0.43 -0.42
C10 15P G . 0.69 -0.98 -0.95
O5 15P G . 1.67 -0.97 0.06
C11 15P G . 2.94 -1.38 -0.46
C12 15P G . 3.72 -1.32 0.84
O6 15P G . 3.99 0.04 1.10
C13 15P G . 4.87 0.20 2.17
C14 15P G . 4.67 1.57 2.77
O7 15P G . 5.06 2.48 1.80
C15 15P G . 4.65 3.80 2.15
C16 15P G . 5.64 4.55 3.08
O8 15P G . 6.84 4.74 2.33
C17 15P G . 7.87 5.07 3.25
C18 15P G . 8.35 6.47 2.90
O9 15P G . 7.33 7.40 3.29
C19 15P G . 6.92 8.10 2.12
C20 15P G . 6.14 9.36 2.54
O10 15P G . 6.95 10.31 3.24
C21 15P G . 7.58 11.14 2.35
C22 15P G . 8.11 12.30 3.16
O11 15P G . 7.04 13.01 3.67
C23 15P G . 7.43 14.35 3.91
C24 15P G . 6.29 14.99 4.67
O12 15P G . 5.40 15.15 3.56
C25 15P G . 4.22 15.80 3.99
C26 15P G . 3.26 15.90 2.83
O13 15P G . 3.86 16.66 1.79
C27 15P G . 4.38 17.95 2.11
C28 15P G . 4.57 18.73 0.83
O14 15P G . 5.66 18.20 0.12
C29 15P G . 5.84 18.78 -1.18
C30 15P G . 7.14 18.33 -1.76
O15 15P G . 8.20 19.04 -1.21
C31 15P G . 9.45 18.65 -1.82
C32 15P G . 10.50 19.63 -1.30
O16 15P G . 10.33 20.85 -2.01
C33 15P G . 11.30 21.83 -1.60
C1 15P H . 9.56 22.08 -9.89
C2 15P H . 8.44 21.18 -9.34
O1 15P H . 8.58 19.83 -9.84
C3 15P H . 7.67 18.99 -9.18
C4 15P H . 7.96 17.51 -9.47
O2 15P H . 9.29 17.07 -9.20
C5 15P H . 9.55 16.53 -7.89
C6 15P H . 11.03 16.13 -7.85
O3 15P H . 11.31 14.72 -7.84
C7 15P H . 10.21 13.89 -8.19
C8 15P H . 10.68 12.63 -8.97
O4 15P H . 10.11 11.47 -8.33
C9 15P H . 9.56 10.36 -9.06
C10 15P H . 9.97 9.00 -8.44
O5 15P H . 10.53 8.20 -9.51
C11 15P H . 11.40 7.09 -9.17
C12 15P H . 11.87 6.50 -10.48
O6 15P H . 10.81 5.75 -11.10
C13 15P H . 11.26 4.92 -12.18
C14 15P H . 10.04 4.24 -12.80
O7 15P H . 9.47 3.26 -11.92
O1 P4C I . 13.43 21.56 -10.91
C2 P4C I . 14.72 21.01 -10.61
C3 P4C I . 15.07 20.03 -11.71
O4 P4C I . 14.26 18.84 -11.70
C5 P4C I . 14.39 18.20 -12.95
C6 P4C I . 13.59 16.89 -12.96
O7 P4C I . 12.23 17.16 -13.30
C8 P4C I . 11.93 17.35 -14.67
C9 P4C I . 10.46 16.96 -14.87
O10 P4C I . 10.47 15.56 -15.14
C11 P4C I . 9.33 14.73 -14.82
C12 P4C I . 9.50 13.59 -15.84
O13 P4C I . 9.23 12.32 -15.27
C14 P4C I . 9.52 11.24 -16.18
C15 P4C I . 8.29 10.89 -16.98
O16 P4C I . 7.43 10.20 -16.05
C17 P4C I . 6.21 9.70 -16.61
C18 P4C I . 5.50 9.01 -15.46
O19 P4C I . 6.05 7.70 -15.34
C20 P4C I . 5.21 6.79 -14.58
C21 P4C I . 6.03 5.50 -14.38
O22 P4C I . 6.09 4.76 -15.59
OXT 15P J . -11.73 -14.11 -2.71
C1 15P J . -11.83 -12.69 -2.85
C2 15P J . -12.38 -12.33 -4.24
O1 15P J . -11.34 -12.56 -5.21
C3 15P J . -11.69 -12.30 -6.58
C4 15P J . -10.46 -12.48 -7.45
O2 15P J . -9.57 -11.36 -7.35
#